data_5VJP
#
_entry.id   5VJP
#
_cell.length_a   138.087
_cell.length_b   49.219
_cell.length_c   95.354
_cell.angle_alpha   90.00
_cell.angle_beta   130.55
_cell.angle_gamma   90.00
#
_symmetry.space_group_name_H-M   'C 1 2 1'
#
loop_
_entity.id
_entity.type
_entity.pdbx_description
1 polymer 'Adenine phosphoribosyltransferase 1'
2 non-polymer '[(2S,3R,4S,5S)-3,4-dihydroxypyrrolidine-2,5-diyl]bis(methylene) bis[dihydrogen (phosphate)]'
3 non-polymer 1,2-ETHANEDIOL
4 non-polymer ADENINE
5 water water
#
_entity_poly.entity_id   1
_entity_poly.type   'polypeptide(L)'
_entity_poly.pdbx_seq_one_letter_code
;MPIASYAQELKLALHQYPNFPSEGILFEDFLPIFRNPGLFQKLIDAFKLHLEEAFPEVKIDYIVGLESRGFLFGPTLALA
LGVGFVPVRKAGKLPGECFKATYEKEYGSDLFEIQKNAIPAGSNVIIVDDIIATGGSAAAAGELVEQLEANLLEYNFVME
LDFLKGRSKLNAPVFTLLNAQKEALKK
;
_entity_poly.pdbx_strand_id   A,B
#
loop_
_chem_comp.id
_chem_comp.type
_chem_comp.name
_chem_comp.formula
ADE non-polymer ADENINE 'C5 H5 N5'
EDO non-polymer 1,2-ETHANEDIOL 'C2 H6 O2'
IR9 non-polymer '[(2S,3R,4S,5S)-3,4-dihydroxypyrrolidine-2,5-diyl]bis(methylene) bis[dihydrogen (phosphate)]' 'C6 H15 N O10 P2'
#
# COMPACT_ATOMS: atom_id res chain seq x y z
N MET A 1 5.10 -26.46 11.81
CA MET A 1 5.92 -25.33 11.45
C MET A 1 5.07 -24.09 11.51
N PRO A 2 5.58 -23.03 12.13
CA PRO A 2 4.78 -21.80 12.22
C PRO A 2 4.35 -21.28 10.85
N ILE A 3 5.22 -21.32 9.85
CA ILE A 3 4.89 -20.83 8.54
C ILE A 3 3.78 -21.65 7.87
N ALA A 4 3.80 -22.96 7.97
CA ALA A 4 2.77 -23.80 7.34
C ALA A 4 1.36 -23.61 7.87
N SER A 5 1.22 -23.58 9.18
CA SER A 5 -0.06 -23.31 9.86
C SER A 5 -0.65 -21.95 9.49
N TYR A 6 0.19 -20.92 9.45
CA TYR A 6 -0.24 -19.60 8.96
C TYR A 6 -0.59 -19.62 7.47
N ALA A 7 0.19 -20.34 6.66
CA ALA A 7 -0.10 -20.50 5.23
C ALA A 7 -1.44 -21.18 4.96
N GLN A 8 -1.78 -22.20 5.75
CA GLN A 8 -3.08 -22.89 5.63
C GLN A 8 -4.25 -21.97 6.00
N GLU A 9 -4.14 -21.27 7.11
CA GLU A 9 -5.18 -20.34 7.56
C GLU A 9 -5.38 -19.16 6.60
N LEU A 10 -4.29 -18.67 6.00
CA LEU A 10 -4.34 -17.61 5.00
C LEU A 10 -4.94 -18.08 3.68
N LYS A 11 -4.64 -19.33 3.29
CA LYS A 11 -5.27 -19.98 2.13
C LYS A 11 -6.79 -20.08 2.25
N LEU A 12 -7.26 -20.42 3.46
CA LEU A 12 -8.70 -20.48 3.75
C LEU A 12 -9.38 -19.11 3.64
N ALA A 13 -8.66 -18.05 4.01
CA ALA A 13 -9.19 -16.69 3.96
C ALA A 13 -9.32 -16.13 2.53
N LEU A 14 -8.60 -16.70 1.57
CA LEU A 14 -8.71 -16.28 0.16
C LEU A 14 -10.14 -16.52 -0.35
N HIS A 15 -10.59 -15.62 -1.24
CA HIS A 15 -11.93 -15.69 -1.83
C HIS A 15 -11.76 -15.85 -3.34
N GLN A 16 -12.34 -16.92 -3.88
CA GLN A 16 -12.24 -17.22 -5.32
C GLN A 16 -13.34 -16.50 -6.07
N TYR A 17 -12.99 -15.82 -7.16
CA TYR A 17 -13.97 -15.13 -8.02
C TYR A 17 -13.86 -15.60 -9.47
N PRO A 18 -14.73 -16.56 -9.87
CA PRO A 18 -14.74 -17.05 -11.25
C PRO A 18 -15.00 -15.93 -12.26
N ASN A 19 -14.28 -15.98 -13.38
CA ASN A 19 -14.50 -15.09 -14.52
C ASN A 19 -14.34 -13.60 -14.18
N PHE A 20 -13.31 -13.29 -13.40
CA PHE A 20 -12.86 -11.91 -13.18
C PHE A 20 -11.34 -11.87 -13.37
N PRO A 21 -10.78 -10.87 -14.07
CA PRO A 21 -11.51 -9.75 -14.71
C PRO A 21 -12.30 -10.08 -15.99
N SER A 22 -12.00 -11.22 -16.62
CA SER A 22 -12.71 -11.62 -17.84
C SER A 22 -12.99 -13.12 -17.83
N GLU A 23 -13.71 -13.58 -18.85
CA GLU A 23 -14.08 -14.99 -19.01
C GLU A 23 -12.88 -15.91 -18.93
N GLY A 24 -12.98 -16.97 -18.15
CA GLY A 24 -11.92 -17.98 -18.03
C GLY A 24 -10.92 -17.80 -16.90
N ILE A 25 -10.69 -16.55 -16.49
CA ILE A 25 -9.68 -16.23 -15.48
C ILE A 25 -10.29 -16.46 -14.09
N LEU A 26 -9.56 -17.19 -13.24
CA LEU A 26 -9.94 -17.38 -11.85
C LEU A 26 -9.15 -16.42 -10.96
N PHE A 27 -9.85 -15.46 -10.35
CA PHE A 27 -9.21 -14.43 -9.52
C PHE A 27 -9.08 -14.93 -8.08
N GLU A 28 -7.85 -14.96 -7.58
CA GLU A 28 -7.58 -15.22 -6.16
C GLU A 28 -7.52 -13.88 -5.44
N ASP A 29 -8.53 -13.57 -4.63
CA ASP A 29 -8.61 -12.32 -3.89
C ASP A 29 -8.00 -12.51 -2.50
N PHE A 30 -6.83 -11.94 -2.27
CA PHE A 30 -6.20 -11.92 -0.93
C PHE A 30 -6.66 -10.79 0.01
N LEU A 31 -7.54 -9.90 -0.46
CA LEU A 31 -8.00 -8.76 0.35
C LEU A 31 -8.68 -9.10 1.67
N PRO A 32 -9.38 -10.25 1.75
CA PRO A 32 -9.94 -10.66 3.05
C PRO A 32 -8.92 -10.84 4.19
N ILE A 33 -7.68 -11.14 3.86
CA ILE A 33 -6.59 -11.20 4.87
C ILE A 33 -6.40 -9.85 5.56
N PHE A 34 -6.50 -8.76 4.78
CA PHE A 34 -6.25 -7.42 5.30
C PHE A 34 -7.38 -6.86 6.18
N ARG A 35 -8.63 -7.32 5.99
CA ARG A 35 -9.74 -6.88 6.86
C ARG A 35 -9.70 -7.49 8.26
N ASN A 36 -8.92 -8.56 8.44
CA ASN A 36 -8.82 -9.23 9.72
C ASN A 36 -7.40 -9.02 10.25
N PRO A 37 -7.23 -8.18 11.29
CA PRO A 37 -5.88 -7.91 11.82
C PRO A 37 -5.12 -9.15 12.30
N GLY A 38 -5.84 -10.18 12.75
CA GLY A 38 -5.26 -11.47 13.08
C GLY A 38 -4.63 -12.15 11.89
N LEU A 39 -5.38 -12.24 10.79
CA LEU A 39 -4.87 -12.80 9.55
C LEU A 39 -3.75 -11.96 8.96
N PHE A 40 -3.91 -10.64 9.01
CA PHE A 40 -2.91 -9.74 8.45
C PHE A 40 -1.59 -9.91 9.18
N GLN A 41 -1.63 -9.87 10.52
CA GLN A 41 -0.45 -10.15 11.35
C GLN A 41 0.22 -11.49 11.02
N LYS A 42 -0.58 -12.52 10.77
CA LYS A 42 -0.06 -13.84 10.40
C LYS A 42 0.69 -13.83 9.06
N LEU A 43 0.16 -13.11 8.07
CA LEU A 43 0.83 -12.95 6.78
C LEU A 43 2.18 -12.26 6.95
N ILE A 44 2.20 -11.17 7.71
CA ILE A 44 3.44 -10.44 7.94
C ILE A 44 4.42 -11.33 8.69
N ASP A 45 3.97 -11.95 9.77
CA ASP A 45 4.82 -12.87 10.55
C ASP A 45 5.32 -14.07 9.74
N ALA A 46 4.50 -14.60 8.85
CA ALA A 46 4.89 -15.70 7.98
C ALA A 46 6.09 -15.33 7.11
N PHE A 47 5.98 -14.20 6.41
CA PHE A 47 7.09 -13.66 5.63
C PHE A 47 8.31 -13.32 6.50
N LYS A 48 8.06 -12.72 7.66
CA LYS A 48 9.14 -12.38 8.58
C LYS A 48 9.92 -13.62 9.00
N LEU A 49 9.20 -14.63 9.48
CA LEU A 49 9.78 -15.93 9.85
C LEU A 49 10.56 -16.58 8.72
N HIS A 50 10.01 -16.53 7.50
CA HIS A 50 10.70 -17.10 6.35
C HIS A 50 12.02 -16.37 6.04
N LEU A 51 12.01 -15.05 6.10
CA LEU A 51 13.23 -14.27 5.86
C LEU A 51 14.26 -14.50 6.97
N GLU A 52 13.80 -14.56 8.22
CA GLU A 52 14.66 -14.97 9.34
C GLU A 52 15.27 -16.36 9.15
N GLU A 53 14.50 -17.28 8.57
CA GLU A 53 14.96 -18.64 8.27
C GLU A 53 15.93 -18.67 7.09
N ALA A 54 15.55 -18.03 5.98
CA ALA A 54 16.37 -18.01 4.76
C ALA A 54 17.64 -17.17 4.89
N PHE A 55 17.57 -16.06 5.62
CA PHE A 55 18.66 -15.09 5.69
C PHE A 55 19.04 -14.72 7.14
N PRO A 56 19.42 -15.73 7.96
CA PRO A 56 19.65 -15.49 9.39
C PRO A 56 20.81 -14.53 9.71
N GLU A 57 21.89 -14.56 8.94
CA GLU A 57 23.05 -13.69 9.16
C GLU A 57 23.31 -12.77 7.96
N VAL A 58 22.24 -12.39 7.26
CA VAL A 58 22.30 -11.42 6.17
C VAL A 58 21.29 -10.32 6.46
N LYS A 59 21.79 -9.10 6.64
CA LYS A 59 20.96 -7.93 6.86
C LYS A 59 20.23 -7.52 5.58
N ILE A 60 18.90 -7.50 5.63
CA ILE A 60 18.08 -6.91 4.58
C ILE A 60 18.06 -5.40 4.80
N ASP A 61 18.33 -4.64 3.74
CA ASP A 61 18.31 -3.17 3.81
C ASP A 61 16.95 -2.61 3.43
N TYR A 62 16.35 -3.19 2.38
CA TYR A 62 15.05 -2.74 1.89
C TYR A 62 14.13 -3.88 1.45
N ILE A 63 12.82 -3.67 1.63
CA ILE A 63 11.80 -4.35 0.85
C ILE A 63 11.47 -3.45 -0.34
N VAL A 64 11.50 -3.99 -1.54
CA VAL A 64 11.03 -3.32 -2.75
C VAL A 64 9.66 -3.93 -3.12
N GLY A 65 8.61 -3.13 -3.04
CA GLY A 65 7.26 -3.59 -3.36
C GLY A 65 6.74 -3.08 -4.69
N LEU A 66 6.10 -3.95 -5.46
CA LEU A 66 5.53 -3.59 -6.76
C LEU A 66 4.16 -2.96 -6.59
N GLU A 67 3.88 -1.93 -7.39
CA GLU A 67 2.57 -1.30 -7.44
C GLU A 67 1.61 -2.28 -8.11
N SER A 68 0.34 -2.36 -7.70
CA SER A 68 -0.24 -1.66 -6.53
C SER A 68 -0.50 -2.57 -5.33
N ARG A 69 -0.71 -3.87 -5.54
CA ARG A 69 -1.07 -4.78 -4.45
C ARG A 69 0.11 -5.22 -3.56
N GLY A 70 1.33 -5.13 -4.07
CA GLY A 70 2.53 -5.26 -3.24
C GLY A 70 2.62 -4.20 -2.16
N PHE A 71 2.05 -3.01 -2.43
CA PHE A 71 1.95 -1.92 -1.45
C PHE A 71 1.08 -2.28 -0.23
N LEU A 72 0.15 -3.21 -0.39
CA LEU A 72 -0.74 -3.60 0.71
C LEU A 72 -0.01 -4.27 1.88
N PHE A 73 1.03 -5.05 1.59
CA PHE A 73 1.80 -5.75 2.64
C PHE A 73 3.30 -5.43 2.70
N GLY A 74 3.91 -4.99 1.58
CA GLY A 74 5.35 -4.70 1.53
C GLY A 74 5.86 -3.71 2.57
N PRO A 75 5.25 -2.51 2.65
CA PRO A 75 5.60 -1.53 3.66
C PRO A 75 5.45 -2.06 5.09
N THR A 76 4.36 -2.79 5.35
CA THR A 76 4.13 -3.35 6.68
C THR A 76 5.16 -4.41 7.04
N LEU A 77 5.54 -5.24 6.06
CA LEU A 77 6.64 -6.19 6.25
C LEU A 77 7.95 -5.45 6.52
N ALA A 78 8.23 -4.42 5.73
CA ALA A 78 9.42 -3.57 5.94
C ALA A 78 9.52 -3.08 7.39
N LEU A 79 8.43 -2.51 7.90
CA LEU A 79 8.40 -1.96 9.27
C LEU A 79 8.53 -3.05 10.34
N ALA A 80 7.90 -4.20 10.11
CA ALA A 80 8.06 -5.36 10.99
C ALA A 80 9.51 -5.82 11.08
N LEU A 81 10.19 -5.84 9.95
CA LEU A 81 11.63 -6.19 9.90
C LEU A 81 12.57 -5.08 10.40
N GLY A 82 12.08 -3.85 10.52
CA GLY A 82 12.93 -2.69 10.86
C GLY A 82 13.78 -2.26 9.68
N VAL A 83 13.21 -2.30 8.47
CA VAL A 83 13.92 -1.99 7.24
C VAL A 83 13.14 -1.01 6.37
N GLY A 84 13.81 -0.45 5.39
CA GLY A 84 13.19 0.53 4.51
C GLY A 84 12.24 -0.12 3.52
N PHE A 85 11.28 0.67 3.04
CA PHE A 85 10.45 0.29 1.93
C PHE A 85 10.69 1.25 0.78
N VAL A 86 10.73 0.71 -0.44
CA VAL A 86 10.84 1.48 -1.67
C VAL A 86 9.86 0.90 -2.69
N PRO A 87 9.05 1.74 -3.34
CA PRO A 87 8.12 1.22 -4.34
C PRO A 87 8.74 1.09 -5.73
N VAL A 88 8.33 0.07 -6.48
CA VAL A 88 8.49 0.05 -7.92
C VAL A 88 7.12 0.42 -8.47
N ARG A 89 7.06 1.50 -9.24
CA ARG A 89 5.79 2.05 -9.73
C ARG A 89 5.68 1.94 -11.23
N LYS A 90 4.44 2.11 -11.72
CA LYS A 90 4.18 2.19 -13.17
C LYS A 90 4.83 3.46 -13.71
N ALA A 91 4.91 3.56 -15.03
CA ALA A 91 5.62 4.65 -15.70
C ALA A 91 4.98 6.02 -15.43
N GLY A 92 5.82 6.99 -15.06
CA GLY A 92 5.38 8.37 -14.86
C GLY A 92 4.74 8.72 -13.52
N LYS A 93 4.74 7.80 -12.57
CA LYS A 93 4.17 8.04 -11.24
C LYS A 93 5.21 8.52 -10.21
N LEU A 94 6.46 8.08 -10.34
CA LEU A 94 7.52 8.50 -9.41
C LEU A 94 8.17 9.80 -9.88
N PRO A 95 8.34 10.77 -8.95
CA PRO A 95 9.02 12.01 -9.30
C PRO A 95 10.53 11.85 -9.24
N GLY A 96 11.25 12.79 -9.84
CA GLY A 96 12.71 12.79 -9.82
C GLY A 96 13.31 11.82 -10.83
N GLU A 97 14.62 11.66 -10.78
CA GLU A 97 15.34 10.80 -11.72
C GLU A 97 15.09 9.33 -11.37
N CYS A 98 14.63 8.56 -12.34
CA CYS A 98 14.31 7.15 -12.16
C CYS A 98 15.08 6.26 -13.14
N PHE A 99 15.33 5.03 -12.73
CA PHE A 99 15.70 3.96 -13.65
C PHE A 99 14.42 3.34 -14.21
N LYS A 100 14.55 2.73 -15.38
CA LYS A 100 13.43 2.21 -16.15
C LYS A 100 13.68 0.76 -16.55
N ALA A 101 12.61 -0.03 -16.55
CA ALA A 101 12.66 -1.43 -16.98
C ALA A 101 11.36 -1.80 -17.71
N THR A 102 11.49 -2.45 -18.86
CA THR A 102 10.35 -2.75 -19.72
C THR A 102 9.67 -4.05 -19.32
N TYR A 103 8.34 -4.05 -19.38
CA TYR A 103 7.51 -5.22 -19.11
C TYR A 103 6.49 -5.40 -20.23
N LEU A 111 5.88 -0.37 -18.68
CA LEU A 111 7.10 0.19 -18.15
C LEU A 111 7.00 0.41 -16.64
N PHE A 112 8.02 -0.05 -15.91
CA PHE A 112 8.15 0.18 -14.47
C PHE A 112 9.30 1.12 -14.19
N GLU A 113 9.32 1.69 -12.99
CA GLU A 113 10.37 2.62 -12.57
C GLU A 113 10.71 2.49 -11.09
N ILE A 114 11.93 2.90 -10.74
CA ILE A 114 12.37 3.04 -9.36
C ILE A 114 13.18 4.33 -9.28
N GLN A 115 13.17 4.98 -8.11
CA GLN A 115 13.91 6.23 -7.91
C GLN A 115 15.40 5.96 -7.70
N LYS A 116 16.22 6.62 -8.52
CA LYS A 116 17.68 6.44 -8.49
C LYS A 116 18.31 6.67 -7.11
N ASN A 117 17.74 7.62 -6.35
CA ASN A 117 18.26 7.98 -5.03
C ASN A 117 17.77 7.10 -3.87
N ALA A 118 16.92 6.11 -4.15
CA ALA A 118 16.19 5.38 -3.11
C ALA A 118 17.05 4.37 -2.35
N ILE A 119 17.88 3.65 -3.09
CA ILE A 119 18.64 2.53 -2.56
C ILE A 119 20.12 2.72 -2.95
N PRO A 120 21.03 2.77 -1.97
CA PRO A 120 22.45 2.81 -2.34
C PRO A 120 22.93 1.52 -3.01
N ALA A 121 24.04 1.62 -3.74
CA ALA A 121 24.70 0.45 -4.32
C ALA A 121 25.18 -0.47 -3.21
N GLY A 122 25.05 -1.78 -3.43
CA GLY A 122 25.43 -2.78 -2.44
C GLY A 122 24.39 -3.07 -1.38
N SER A 123 23.23 -2.40 -1.42
CA SER A 123 22.14 -2.70 -0.50
C SER A 123 21.57 -4.09 -0.80
N ASN A 124 21.25 -4.84 0.26
CA ASN A 124 20.55 -6.11 0.11
C ASN A 124 19.04 -5.88 0.12
N VAL A 125 18.36 -6.44 -0.87
CA VAL A 125 16.96 -6.15 -1.17
C VAL A 125 16.14 -7.43 -1.32
N ILE A 126 14.88 -7.39 -0.87
CA ILE A 126 13.87 -8.39 -1.17
C ILE A 126 12.80 -7.69 -1.98
N ILE A 127 12.44 -8.25 -3.13
CA ILE A 127 11.31 -7.74 -3.91
C ILE A 127 10.06 -8.49 -3.45
N VAL A 128 8.97 -7.75 -3.21
CA VAL A 128 7.68 -8.34 -2.83
C VAL A 128 6.56 -7.92 -3.75
N ASP A 129 5.61 -8.83 -3.94
CA ASP A 129 4.39 -8.57 -4.70
C ASP A 129 3.31 -9.59 -4.29
N ASP A 130 2.04 -9.27 -4.53
CA ASP A 130 0.95 -10.19 -4.17
C ASP A 130 1.08 -11.51 -4.92
N ILE A 131 1.26 -11.44 -6.24
CA ILE A 131 1.19 -12.62 -7.09
C ILE A 131 2.19 -12.54 -8.25
N ILE A 132 2.73 -13.68 -8.66
CA ILE A 132 3.54 -13.78 -9.88
C ILE A 132 2.70 -14.59 -10.89
N ALA A 133 2.50 -14.00 -12.07
CA ALA A 133 1.71 -14.61 -13.14
C ALA A 133 2.67 -14.93 -14.29
N THR A 134 2.84 -14.01 -15.24
CA THR A 134 3.80 -14.21 -16.34
C THR A 134 5.25 -14.01 -15.90
N GLY A 135 5.45 -13.25 -14.82
CA GLY A 135 6.78 -12.95 -14.30
C GLY A 135 7.38 -11.67 -14.81
N GLY A 136 6.75 -11.04 -15.82
CA GLY A 136 7.29 -9.86 -16.47
C GLY A 136 7.47 -8.66 -15.54
N SER A 137 6.48 -8.42 -14.68
CA SER A 137 6.54 -7.32 -13.72
C SER A 137 7.64 -7.52 -12.69
N ALA A 138 7.72 -8.73 -12.15
CA ALA A 138 8.80 -9.12 -11.21
C ALA A 138 10.18 -9.01 -11.86
N ALA A 139 10.30 -9.47 -13.11
CA ALA A 139 11.56 -9.38 -13.87
C ALA A 139 12.00 -7.92 -14.06
N ALA A 140 11.04 -7.05 -14.37
CA ALA A 140 11.30 -5.61 -14.50
C ALA A 140 11.83 -5.04 -13.17
N ALA A 141 11.19 -5.40 -12.07
CA ALA A 141 11.64 -4.96 -10.74
C ALA A 141 13.09 -5.38 -10.48
N GLY A 142 13.42 -6.63 -10.86
CA GLY A 142 14.79 -7.14 -10.82
C GLY A 142 15.79 -6.34 -11.66
N GLU A 143 15.38 -5.94 -12.85
CA GLU A 143 16.21 -5.07 -13.69
C GLU A 143 16.46 -3.70 -13.04
N LEU A 144 15.45 -3.18 -12.34
CA LEU A 144 15.57 -1.91 -11.60
C LEU A 144 16.47 -2.03 -10.38
N VAL A 145 16.37 -3.15 -9.64
CA VAL A 145 17.30 -3.44 -8.53
C VAL A 145 18.74 -3.55 -9.06
N GLU A 146 18.90 -4.14 -10.24
CA GLU A 146 20.21 -4.29 -10.88
C GLU A 146 20.80 -2.92 -11.31
N GLN A 147 19.96 -2.05 -11.86
CA GLN A 147 20.39 -0.69 -12.24
C GLN A 147 20.76 0.18 -11.04
N LEU A 148 20.16 -0.11 -9.89
CA LEU A 148 20.60 0.44 -8.60
C LEU A 148 21.98 -0.05 -8.12
N GLU A 149 22.50 -1.12 -8.75
CA GLU A 149 23.66 -1.88 -8.25
C GLU A 149 23.41 -2.42 -6.84
N ALA A 150 22.16 -2.83 -6.60
CA ALA A 150 21.76 -3.42 -5.32
C ALA A 150 21.67 -4.92 -5.50
N ASN A 151 21.72 -5.64 -4.38
CA ASN A 151 21.68 -7.08 -4.37
C ASN A 151 20.25 -7.58 -4.17
N LEU A 152 19.80 -8.45 -5.07
CA LEU A 152 18.47 -9.05 -4.96
C LEU A 152 18.59 -10.42 -4.29
N LEU A 153 18.31 -10.46 -2.99
CA LEU A 153 18.40 -11.69 -2.22
C LEU A 153 17.32 -12.70 -2.60
N GLU A 154 16.09 -12.22 -2.78
CA GLU A 154 14.95 -13.10 -3.06
C GLU A 154 13.74 -12.33 -3.58
N TYR A 155 12.88 -13.02 -4.33
CA TYR A 155 11.53 -12.56 -4.59
C TYR A 155 10.62 -13.24 -3.58
N ASN A 156 9.70 -12.48 -2.99
CA ASN A 156 8.69 -13.00 -2.07
C ASN A 156 7.30 -12.68 -2.59
N PHE A 157 6.52 -13.73 -2.87
CA PHE A 157 5.15 -13.63 -3.34
C PHE A 157 4.19 -14.28 -2.36
N VAL A 158 2.95 -13.80 -2.34
CA VAL A 158 1.87 -14.42 -1.57
C VAL A 158 1.39 -15.65 -2.35
N MET A 159 1.08 -15.43 -3.63
CA MET A 159 0.57 -16.48 -4.52
C MET A 159 1.46 -16.60 -5.76
N GLU A 160 1.38 -17.74 -6.41
CA GLU A 160 2.09 -17.99 -7.67
C GLU A 160 1.24 -18.87 -8.58
N LEU A 161 1.07 -18.44 -9.82
CA LEU A 161 0.38 -19.21 -10.84
C LEU A 161 1.41 -20.08 -11.57
N ASP A 162 1.61 -21.30 -11.06
CA ASP A 162 2.68 -22.21 -11.50
C ASP A 162 2.60 -22.54 -12.99
N PHE A 163 1.39 -22.73 -13.49
CA PHE A 163 1.14 -23.02 -14.92
C PHE A 163 1.67 -21.96 -15.89
N LEU A 164 1.72 -20.70 -15.47
CA LEU A 164 2.28 -19.62 -16.30
C LEU A 164 3.82 -19.59 -16.36
N LYS A 165 4.48 -20.28 -15.44
CA LYS A 165 5.96 -20.37 -15.40
C LYS A 165 6.66 -19.00 -15.24
N GLY A 166 6.08 -18.17 -14.38
CA GLY A 166 6.61 -16.82 -14.15
C GLY A 166 8.03 -16.82 -13.62
N ARG A 167 8.33 -17.72 -12.69
CA ARG A 167 9.68 -17.81 -12.11
C ARG A 167 10.82 -18.05 -13.13
N SER A 168 10.52 -18.59 -14.32
CA SER A 168 11.54 -18.81 -15.36
C SER A 168 12.11 -17.51 -15.95
N LYS A 169 11.34 -16.41 -15.90
CA LYS A 169 11.82 -15.09 -16.32
C LYS A 169 12.74 -14.41 -15.31
N LEU A 170 12.82 -14.97 -14.10
CA LEU A 170 13.51 -14.36 -12.96
C LEU A 170 14.86 -15.03 -12.72
N ASN A 171 15.80 -14.25 -12.18
CA ASN A 171 17.15 -14.71 -11.87
C ASN A 171 17.28 -15.12 -10.42
N ALA A 172 16.87 -14.24 -9.51
CA ALA A 172 17.01 -14.47 -8.07
C ALA A 172 16.08 -15.58 -7.57
N PRO A 173 16.38 -16.16 -6.38
CA PRO A 173 15.49 -17.18 -5.81
C PRO A 173 14.10 -16.64 -5.47
N VAL A 174 13.11 -17.52 -5.53
CA VAL A 174 11.72 -17.16 -5.35
C VAL A 174 11.15 -17.90 -4.15
N PHE A 175 10.40 -17.18 -3.33
CA PHE A 175 9.58 -17.76 -2.27
C PHE A 175 8.15 -17.33 -2.51
N THR A 176 7.24 -18.30 -2.49
CA THR A 176 5.81 -18.03 -2.55
C THR A 176 5.19 -18.63 -1.29
N LEU A 177 4.49 -17.81 -0.52
CA LEU A 177 3.96 -18.23 0.79
C LEU A 177 2.82 -19.24 0.67
N LEU A 178 1.92 -19.03 -0.29
CA LEU A 178 0.75 -19.88 -0.49
C LEU A 178 0.86 -20.64 -1.81
N ASN A 179 1.27 -21.91 -1.74
CA ASN A 179 1.48 -22.74 -2.91
C ASN A 179 0.23 -23.58 -3.20
N MET B 1 4.33 18.46 22.16
CA MET B 1 3.59 17.22 21.97
C MET B 1 4.26 16.31 20.96
N PRO B 2 4.11 15.02 21.16
CA PRO B 2 4.68 13.97 20.32
C PRO B 2 4.26 14.12 18.85
N ILE B 3 3.00 14.45 18.63
CA ILE B 3 2.51 14.60 17.28
C ILE B 3 3.29 15.66 16.57
N ALA B 4 3.47 16.80 17.20
CA ALA B 4 4.19 17.90 16.55
C ALA B 4 5.67 17.65 16.27
N SER B 5 6.37 16.97 17.16
CA SER B 5 7.77 16.69 16.91
C SER B 5 7.91 15.72 15.74
N TYR B 6 7.07 14.72 15.74
CA TYR B 6 7.07 13.76 14.62
C TYR B 6 6.65 14.42 13.31
N ALA B 7 5.64 15.30 13.35
CA ALA B 7 5.21 16.06 12.17
C ALA B 7 6.32 16.94 11.58
N GLN B 8 7.10 17.59 12.44
CA GLN B 8 8.24 18.42 12.00
C GLN B 8 9.33 17.58 11.31
N GLU B 9 9.71 16.48 11.96
CA GLU B 9 10.73 15.58 11.41
C GLU B 9 10.30 14.92 10.09
N LEU B 10 9.01 14.59 9.98
CA LEU B 10 8.45 14.04 8.73
C LEU B 10 8.37 15.08 7.61
N LYS B 11 8.05 16.32 7.98
CA LYS B 11 8.09 17.46 7.03
C LYS B 11 9.47 17.67 6.42
N LEU B 12 10.50 17.55 7.24
CA LEU B 12 11.90 17.66 6.78
C LEU B 12 12.28 16.55 5.80
N ALA B 13 11.73 15.35 6.02
CA ALA B 13 12.00 14.20 5.15
C ALA B 13 11.35 14.30 3.75
N LEU B 14 10.31 15.12 3.61
CA LEU B 14 9.67 15.31 2.29
C LEU B 14 10.66 15.89 1.28
N HIS B 15 10.51 15.51 0.01
CA HIS B 15 11.35 15.97 -1.08
C HIS B 15 10.46 16.69 -2.10
N GLN B 16 10.80 17.94 -2.40
CA GLN B 16 10.01 18.77 -3.31
C GLN B 16 10.51 18.55 -4.74
N TYR B 17 9.60 18.33 -5.69
CA TYR B 17 9.95 18.15 -7.11
C TYR B 17 9.19 19.15 -7.98
N PRO B 18 9.83 20.29 -8.33
CA PRO B 18 9.19 21.29 -9.19
C PRO B 18 8.79 20.73 -10.55
N ASN B 19 7.61 21.13 -11.02
CA ASN B 19 7.13 20.82 -12.38
C ASN B 19 7.04 19.32 -12.67
N PHE B 20 6.53 18.57 -11.70
CA PHE B 20 6.14 17.17 -11.89
C PHE B 20 4.73 16.99 -11.31
N PRO B 21 3.82 16.30 -11.99
CA PRO B 21 4.02 15.64 -13.31
C PRO B 21 4.07 16.58 -14.53
N SER B 22 3.60 17.82 -14.39
CA SER B 22 3.62 18.78 -15.49
C SER B 22 3.99 20.18 -14.98
N GLU B 23 4.13 21.12 -15.92
CA GLU B 23 4.50 22.51 -15.63
C GLU B 23 3.57 23.12 -14.59
N GLY B 24 4.16 23.78 -13.58
CA GLY B 24 3.39 24.49 -12.56
C GLY B 24 3.08 23.71 -11.29
N ILE B 25 2.98 22.38 -11.40
CA ILE B 25 2.61 21.54 -10.27
C ILE B 25 3.85 21.28 -9.42
N LEU B 26 3.72 21.48 -8.11
CA LEU B 26 4.78 21.17 -7.15
C LEU B 26 4.46 19.82 -6.49
N PHE B 27 5.28 18.80 -6.76
CA PHE B 27 5.06 17.46 -6.24
C PHE B 27 5.71 17.32 -4.86
N GLU B 28 4.90 16.96 -3.87
CA GLU B 28 5.36 16.64 -2.53
C GLU B 28 5.57 15.12 -2.48
N ASP B 29 6.83 14.68 -2.45
CA ASP B 29 7.15 13.26 -2.40
C ASP B 29 7.35 12.84 -0.95
N PHE B 30 6.40 12.07 -0.42
CA PHE B 30 6.51 11.47 0.92
C PHE B 30 7.25 10.11 0.97
N LEU B 31 7.69 9.60 -0.17
CA LEU B 31 8.36 8.29 -0.23
C LEU B 31 9.63 8.15 0.60
N PRO B 32 10.40 9.25 0.79
CA PRO B 32 11.55 9.16 1.70
C PRO B 32 11.26 8.75 3.14
N ILE B 33 10.04 9.00 3.62
CA ILE B 33 9.59 8.53 4.94
C ILE B 33 9.63 6.99 5.02
N PHE B 34 9.21 6.34 3.94
CA PHE B 34 9.12 4.88 3.90
C PHE B 34 10.48 4.15 3.80
N ARG B 35 11.51 4.80 3.25
CA ARG B 35 12.86 4.19 3.20
C ARG B 35 13.55 4.14 4.57
N ASN B 36 13.07 4.94 5.52
CA ASN B 36 13.67 5.03 6.83
C ASN B 36 12.67 4.46 7.83
N PRO B 37 12.94 3.25 8.39
CA PRO B 37 11.99 2.65 9.35
C PRO B 37 11.71 3.49 10.59
N GLY B 38 12.66 4.33 10.99
CA GLY B 38 12.47 5.30 12.07
C GLY B 38 11.42 6.34 11.73
N LEU B 39 11.54 6.95 10.55
CA LEU B 39 10.55 7.90 10.05
C LEU B 39 9.21 7.25 9.81
N PHE B 40 9.23 6.05 9.22
CA PHE B 40 8.00 5.35 8.92
C PHE B 40 7.21 5.06 10.20
N GLN B 41 7.89 4.48 11.19
CA GLN B 41 7.30 4.26 12.52
C GLN B 41 6.71 5.53 13.14
N LYS B 42 7.40 6.66 12.98
CA LYS B 42 6.92 7.94 13.49
C LYS B 42 5.63 8.41 12.82
N LEU B 43 5.53 8.22 11.50
CA LEU B 43 4.30 8.53 10.77
C LEU B 43 3.14 7.69 11.27
N ILE B 44 3.36 6.39 11.41
CA ILE B 44 2.31 5.49 11.89
C ILE B 44 1.92 5.87 13.31
N ASP B 45 2.91 6.04 14.19
CA ASP B 45 2.64 6.46 15.57
C ASP B 45 1.94 7.82 15.69
N ALA B 46 2.30 8.76 14.82
CA ALA B 46 1.66 10.06 14.79
C ALA B 46 0.15 9.95 14.53
N PHE B 47 -0.20 9.23 13.46
CA PHE B 47 -1.61 8.93 13.17
C PHE B 47 -2.30 8.14 14.29
N LYS B 48 -1.58 7.16 14.83
CA LYS B 48 -2.13 6.34 15.92
C LYS B 48 -2.47 7.21 17.12
N LEU B 49 -1.50 8.01 17.57
CA LEU B 49 -1.69 8.96 18.68
C LEU B 49 -2.84 9.93 18.43
N HIS B 50 -2.94 10.45 17.20
CA HIS B 50 -4.04 11.36 16.87
C HIS B 50 -5.41 10.70 16.96
N LEU B 51 -5.52 9.46 16.47
CA LEU B 51 -6.78 8.73 16.54
C LEU B 51 -7.13 8.36 17.97
N GLU B 52 -6.13 7.96 18.75
CA GLU B 52 -6.30 7.76 20.21
C GLU B 52 -6.77 9.04 20.92
N GLU B 53 -6.26 10.19 20.49
CA GLU B 53 -6.67 11.48 21.02
C GLU B 53 -8.08 11.89 20.59
N ALA B 54 -8.35 11.81 19.29
CA ALA B 54 -9.64 12.20 18.72
C ALA B 54 -10.78 11.25 19.08
N PHE B 55 -10.49 9.96 19.16
CA PHE B 55 -11.52 8.93 19.34
C PHE B 55 -11.21 7.96 20.49
N PRO B 56 -11.02 8.48 21.71
CA PRO B 56 -10.57 7.65 22.83
C PRO B 56 -11.51 6.51 23.25
N GLU B 57 -12.82 6.75 23.18
CA GLU B 57 -13.82 5.74 23.55
C GLU B 57 -14.75 5.38 22.38
N VAL B 58 -14.19 5.45 21.16
CA VAL B 58 -14.88 5.01 19.95
C VAL B 58 -13.97 4.01 19.25
N LYS B 59 -14.46 2.78 19.13
CA LYS B 59 -13.75 1.72 18.43
C LYS B 59 -13.78 1.96 16.91
N ILE B 60 -12.59 2.05 16.31
CA ILE B 60 -12.44 2.05 14.86
C ILE B 60 -12.48 0.58 14.42
N ASP B 61 -13.31 0.29 13.42
CA ASP B 61 -13.44 -1.06 12.87
C ASP B 61 -12.50 -1.27 11.69
N TYR B 62 -12.41 -0.26 10.82
CA TYR B 62 -11.56 -0.32 9.64
C TYR B 62 -10.84 0.99 9.33
N ILE B 63 -9.64 0.87 8.75
CA ILE B 63 -9.04 1.92 7.94
C ILE B 63 -9.42 1.61 6.49
N VAL B 64 -9.96 2.60 5.78
CA VAL B 64 -10.21 2.52 4.36
C VAL B 64 -9.13 3.36 3.66
N GLY B 65 -8.26 2.72 2.88
CA GLY B 65 -7.18 3.41 2.17
C GLY B 65 -7.44 3.53 0.68
N LEU B 66 -7.18 4.72 0.12
N LEU B 66 -7.16 4.71 0.12
CA LEU B 66 -7.36 4.97 -1.31
CA LEU B 66 -7.34 5.00 -1.30
C LEU B 66 -6.15 4.48 -2.09
C LEU B 66 -6.16 4.49 -2.10
N GLU B 67 -6.43 3.91 -3.26
CA GLU B 67 -5.37 3.49 -4.19
C GLU B 67 -4.74 4.76 -4.78
N SER B 68 -3.43 4.79 -5.03
CA SER B 68 -2.45 3.75 -4.69
C SER B 68 -1.54 4.13 -3.51
N ARG B 69 -1.33 5.41 -3.25
CA ARG B 69 -0.40 5.85 -2.20
C ARG B 69 -0.94 5.75 -0.76
N GLY B 70 -2.27 5.73 -0.61
CA GLY B 70 -2.89 5.38 0.68
C GLY B 70 -2.56 3.96 1.12
N PHE B 71 -2.32 3.06 0.16
CA PHE B 71 -1.88 1.68 0.42
C PHE B 71 -0.50 1.61 1.10
N LEU B 72 0.34 2.63 0.90
CA LEU B 72 1.69 2.64 1.48
C LEU B 72 1.70 2.70 3.02
N PHE B 73 0.73 3.41 3.61
CA PHE B 73 0.65 3.53 5.09
C PHE B 73 -0.66 3.06 5.73
N GLY B 74 -1.77 3.05 4.98
CA GLY B 74 -3.08 2.64 5.51
C GLY B 74 -3.13 1.27 6.17
N PRO B 75 -2.69 0.21 5.44
CA PRO B 75 -2.62 -1.13 6.01
C PRO B 75 -1.74 -1.20 7.25
N THR B 76 -0.58 -0.53 7.22
CA THR B 76 0.32 -0.53 8.37
C THR B 76 -0.31 0.18 9.58
N LEU B 77 -1.01 1.29 9.34
CA LEU B 77 -1.77 1.95 10.41
C LEU B 77 -2.86 1.03 10.95
N ALA B 78 -3.59 0.38 10.05
CA ALA B 78 -4.62 -0.61 10.45
C ALA B 78 -4.06 -1.65 11.41
N LEU B 79 -2.93 -2.25 11.05
CA LEU B 79 -2.31 -3.30 11.88
C LEU B 79 -1.79 -2.76 13.22
N ALA B 80 -1.22 -1.54 13.21
CA ALA B 80 -0.80 -0.87 14.44
C ALA B 80 -1.97 -0.65 15.39
N LEU B 81 -3.12 -0.24 14.85
CA LEU B 81 -4.36 -0.08 15.64
C LEU B 81 -5.05 -1.39 16.03
N GLY B 82 -4.70 -2.51 15.39
CA GLY B 82 -5.40 -3.77 15.59
C GLY B 82 -6.76 -3.79 14.91
N VAL B 83 -6.85 -3.19 13.72
CA VAL B 83 -8.10 -3.06 12.98
C VAL B 83 -7.93 -3.51 11.53
N GLY B 84 -9.06 -3.69 10.86
CA GLY B 84 -9.05 -4.16 9.49
C GLY B 84 -8.63 -3.07 8.52
N PHE B 85 -8.11 -3.48 7.37
CA PHE B 85 -7.87 -2.60 6.25
C PHE B 85 -8.73 -3.04 5.08
N VAL B 86 -9.30 -2.06 4.38
CA VAL B 86 -10.07 -2.28 3.17
C VAL B 86 -9.65 -1.22 2.14
N PRO B 87 -9.34 -1.65 0.90
CA PRO B 87 -8.96 -0.67 -0.10
C PRO B 87 -10.16 -0.06 -0.84
N VAL B 88 -10.04 1.21 -1.21
CA VAL B 88 -10.87 1.80 -2.25
C VAL B 88 -9.99 1.82 -3.48
N ARG B 89 -10.43 1.15 -4.55
CA ARG B 89 -9.63 0.97 -5.76
C ARG B 89 -10.23 1.70 -6.94
N LYS B 90 -9.41 1.86 -7.98
CA LYS B 90 -9.86 2.37 -9.27
C LYS B 90 -10.84 1.36 -9.89
N ALA B 91 -11.54 1.80 -10.93
CA ALA B 91 -12.62 1.02 -11.53
C ALA B 91 -12.12 -0.28 -12.16
N GLY B 92 -12.82 -1.38 -11.86
CA GLY B 92 -12.55 -2.69 -12.46
C GLY B 92 -11.42 -3.51 -11.86
N LYS B 93 -10.84 -3.05 -10.75
CA LYS B 93 -9.72 -3.76 -10.11
C LYS B 93 -10.16 -4.71 -8.98
N LEU B 94 -11.25 -4.36 -8.29
CA LEU B 94 -11.77 -5.21 -7.22
C LEU B 94 -12.71 -6.28 -7.77
N PRO B 95 -12.54 -7.54 -7.33
CA PRO B 95 -13.44 -8.60 -7.77
C PRO B 95 -14.71 -8.62 -6.93
N GLY B 96 -15.74 -9.30 -7.42
CA GLY B 96 -17.02 -9.42 -6.73
C GLY B 96 -17.88 -8.19 -6.87
N GLU B 97 -19.00 -8.18 -6.16
CA GLU B 97 -19.95 -7.06 -6.21
C GLU B 97 -19.39 -5.87 -5.45
N CYS B 98 -19.35 -4.72 -6.13
CA CYS B 98 -18.82 -3.48 -5.58
C CYS B 98 -19.85 -2.36 -5.61
N PHE B 99 -19.72 -1.41 -4.68
CA PHE B 99 -20.35 -0.10 -4.82
C PHE B 99 -19.43 0.81 -5.61
N LYS B 100 -20.03 1.83 -6.21
CA LYS B 100 -19.35 2.72 -7.15
C LYS B 100 -19.57 4.18 -6.76
N ALA B 101 -18.55 5.00 -6.96
CA ALA B 101 -18.63 6.45 -6.71
C ALA B 101 -17.80 7.19 -7.76
N THR B 102 -18.40 8.22 -8.34
CA THR B 102 -17.79 8.96 -9.45
C THR B 102 -16.87 10.07 -8.94
N TYR B 103 -15.76 10.27 -9.65
CA TYR B 103 -14.90 11.44 -9.45
C TYR B 103 -14.25 11.85 -10.77
N GLU B 104 -13.84 13.12 -10.85
CA GLU B 104 -13.26 13.68 -12.07
C GLU B 104 -11.79 14.07 -11.83
N LYS B 105 -10.96 13.93 -12.87
CA LYS B 105 -9.52 14.21 -12.78
C LYS B 105 -9.14 15.52 -13.49
N GLU B 106 -9.31 15.56 -14.81
CA GLU B 106 -9.01 16.76 -15.60
C GLU B 106 -9.80 16.75 -16.91
N TYR B 107 -9.55 15.75 -17.75
CA TYR B 107 -10.31 15.53 -18.99
C TYR B 107 -11.15 14.24 -18.88
N GLY B 108 -11.49 13.84 -17.66
CA GLY B 108 -12.08 12.52 -17.42
C GLY B 108 -12.92 12.44 -16.17
N SER B 109 -13.97 11.63 -16.23
CA SER B 109 -14.77 11.26 -15.07
C SER B 109 -14.50 9.79 -14.86
N ASP B 110 -13.50 9.52 -14.03
CA ASP B 110 -13.15 8.15 -13.67
C ASP B 110 -14.02 7.72 -12.48
N LEU B 111 -13.61 6.65 -11.79
CA LEU B 111 -14.52 5.92 -10.94
C LEU B 111 -13.75 5.13 -9.88
N PHE B 112 -14.22 5.20 -8.63
CA PHE B 112 -13.70 4.39 -7.53
C PHE B 112 -14.69 3.32 -7.14
N GLU B 113 -14.21 2.30 -6.44
CA GLU B 113 -15.04 1.18 -5.97
C GLU B 113 -14.60 0.67 -4.60
N ILE B 114 -15.56 0.04 -3.91
CA ILE B 114 -15.30 -0.70 -2.68
C ILE B 114 -16.12 -1.99 -2.75
N GLN B 115 -15.64 -3.05 -2.11
CA GLN B 115 -16.34 -4.33 -2.10
C GLN B 115 -17.50 -4.32 -1.12
N LYS B 116 -18.69 -4.66 -1.61
CA LYS B 116 -19.92 -4.67 -0.80
C LYS B 116 -19.83 -5.51 0.46
N ASN B 117 -19.09 -6.62 0.38
CA ASN B 117 -18.94 -7.55 1.51
C ASN B 117 -17.84 -7.18 2.52
N ALA B 118 -17.12 -6.09 2.28
CA ALA B 118 -15.88 -5.79 3.03
C ALA B 118 -16.16 -5.27 4.43
N ILE B 119 -17.15 -4.38 4.55
CA ILE B 119 -17.43 -3.66 5.78
C ILE B 119 -18.92 -3.82 6.09
N PRO B 120 -19.26 -4.35 7.27
CA PRO B 120 -20.69 -4.38 7.64
C PRO B 120 -21.27 -2.98 7.87
N ALA B 121 -22.60 -2.88 7.79
CA ALA B 121 -23.30 -1.65 8.12
C ALA B 121 -23.09 -1.33 9.59
N GLY B 122 -22.94 -0.04 9.89
CA GLY B 122 -22.68 0.41 11.25
C GLY B 122 -21.23 0.35 11.70
N SER B 123 -20.31 -0.13 10.84
CA SER B 123 -18.88 -0.11 11.16
C SER B 123 -18.37 1.32 11.21
N ASN B 124 -17.51 1.61 12.17
CA ASN B 124 -16.82 2.90 12.25
C ASN B 124 -15.52 2.83 11.45
N VAL B 125 -15.34 3.82 10.57
CA VAL B 125 -14.30 3.82 9.55
C VAL B 125 -13.51 5.14 9.57
N ILE B 126 -12.21 5.04 9.30
CA ILE B 126 -11.36 6.19 8.99
C ILE B 126 -10.89 5.99 7.57
N ILE B 127 -11.07 7.01 6.72
CA ILE B 127 -10.52 6.99 5.37
C ILE B 127 -9.13 7.61 5.43
N VAL B 128 -8.15 6.96 4.79
CA VAL B 128 -6.78 7.48 4.71
C VAL B 128 -6.29 7.59 3.27
N ASP B 129 -5.46 8.60 3.04
CA ASP B 129 -4.80 8.80 1.76
C ASP B 129 -3.56 9.68 1.98
N ASP B 130 -2.60 9.63 1.05
CA ASP B 130 -1.39 10.43 1.18
C ASP B 130 -1.70 11.92 1.21
N ILE B 131 -2.49 12.39 0.24
CA ILE B 131 -2.69 13.82 0.03
C ILE B 131 -4.12 14.11 -0.45
N ILE B 132 -4.65 15.25 -0.04
CA ILE B 132 -5.93 15.75 -0.56
C ILE B 132 -5.60 16.99 -1.40
N ALA B 133 -6.05 16.97 -2.66
CA ALA B 133 -5.81 18.05 -3.62
C ALA B 133 -7.15 18.72 -3.90
N THR B 134 -7.87 18.28 -4.94
CA THR B 134 -9.20 18.80 -5.24
C THR B 134 -10.28 18.27 -4.29
N GLY B 135 -10.02 17.12 -3.65
CA GLY B 135 -10.96 16.49 -2.74
C GLY B 135 -11.86 15.46 -3.39
N GLY B 136 -11.86 15.37 -4.73
CA GLY B 136 -12.75 14.49 -5.47
C GLY B 136 -12.60 13.02 -5.14
N SER B 137 -11.36 12.55 -5.03
CA SER B 137 -11.09 11.14 -4.71
C SER B 137 -11.53 10.80 -3.29
N ALA B 138 -11.21 11.67 -2.34
CA ALA B 138 -11.68 11.53 -0.94
C ALA B 138 -13.21 11.54 -0.84
N ALA B 139 -13.86 12.46 -1.58
CA ALA B 139 -15.32 12.55 -1.60
C ALA B 139 -15.95 11.25 -2.14
N ALA B 140 -15.37 10.70 -3.21
CA ALA B 140 -15.81 9.40 -3.75
C ALA B 140 -15.70 8.29 -2.69
N ALA B 141 -14.57 8.24 -2.00
CA ALA B 141 -14.38 7.25 -0.92
C ALA B 141 -15.47 7.38 0.14
N GLY B 142 -15.80 8.62 0.51
CA GLY B 142 -16.91 8.92 1.40
C GLY B 142 -18.27 8.43 0.91
N GLU B 143 -18.52 8.59 -0.39
CA GLU B 143 -19.75 8.06 -1.00
C GLU B 143 -19.82 6.53 -0.92
N LEU B 144 -18.66 5.87 -1.06
CA LEU B 144 -18.57 4.42 -0.93
C LEU B 144 -18.76 3.94 0.49
N VAL B 145 -18.19 4.65 1.46
CA VAL B 145 -18.44 4.38 2.90
C VAL B 145 -19.93 4.55 3.22
N GLU B 146 -20.56 5.56 2.61
CA GLU B 146 -21.99 5.81 2.81
C GLU B 146 -22.87 4.70 2.21
N GLN B 147 -22.52 4.22 1.02
CA GLN B 147 -23.23 3.09 0.39
C GLN B 147 -23.08 1.78 1.15
N LEU B 148 -21.97 1.63 1.87
CA LEU B 148 -21.81 0.55 2.85
C LEU B 148 -22.73 0.67 4.08
N GLU B 149 -23.35 1.83 4.29
CA GLU B 149 -24.03 2.19 5.54
C GLU B 149 -23.07 2.12 6.73
N ALA B 150 -21.83 2.52 6.48
CA ALA B 150 -20.79 2.56 7.51
C ALA B 150 -20.61 4.01 7.94
N ASN B 151 -20.03 4.18 9.12
CA ASN B 151 -19.83 5.50 9.70
C ASN B 151 -18.44 6.01 9.37
N LEU B 152 -18.36 7.21 8.80
CA LEU B 152 -17.08 7.85 8.51
C LEU B 152 -16.73 8.81 9.65
N LEU B 153 -15.87 8.34 10.53
CA LEU B 153 -15.43 9.13 11.69
C LEU B 153 -14.57 10.31 11.28
N GLU B 154 -13.64 10.08 10.36
CA GLU B 154 -12.68 11.11 9.96
C GLU B 154 -11.96 10.75 8.65
N TYR B 155 -11.50 11.78 7.94
CA TYR B 155 -10.49 11.61 6.90
C TYR B 155 -9.15 11.91 7.53
N ASN B 156 -8.14 11.08 7.24
CA ASN B 156 -6.77 11.29 7.68
C ASN B 156 -5.85 11.36 6.47
N PHE B 157 -5.20 12.52 6.31
CA PHE B 157 -4.23 12.76 5.24
C PHE B 157 -2.85 13.05 5.82
N VAL B 158 -1.83 12.74 5.04
CA VAL B 158 -0.45 13.10 5.38
C VAL B 158 -0.27 14.58 5.03
N MET B 159 -0.63 14.94 3.80
CA MET B 159 -0.48 16.31 3.29
C MET B 159 -1.83 16.83 2.80
N GLU B 160 -1.93 18.16 2.72
CA GLU B 160 -3.13 18.81 2.18
C GLU B 160 -2.72 20.08 1.43
N LEU B 161 -3.22 20.21 0.21
CA LEU B 161 -3.01 21.41 -0.61
C LEU B 161 -4.15 22.39 -0.32
N ASP B 162 -3.91 23.28 0.64
CA ASP B 162 -4.94 24.16 1.21
C ASP B 162 -5.57 25.09 0.17
N PHE B 163 -4.75 25.60 -0.74
CA PHE B 163 -5.19 26.48 -1.84
C PHE B 163 -6.24 25.86 -2.76
N LEU B 164 -6.24 24.54 -2.93
CA LEU B 164 -7.25 23.84 -3.74
C LEU B 164 -8.62 23.68 -3.05
N LYS B 165 -8.66 23.84 -1.72
CA LYS B 165 -9.92 23.76 -0.94
C LYS B 165 -10.59 22.38 -1.05
N GLY B 166 -9.79 21.33 -1.01
CA GLY B 166 -10.28 19.95 -1.11
C GLY B 166 -11.25 19.57 -0.02
N ARG B 167 -10.94 20.00 1.21
CA ARG B 167 -11.81 19.89 2.39
C ARG B 167 -13.29 20.23 2.20
N SER B 168 -13.56 21.22 1.36
CA SER B 168 -14.93 21.72 1.12
C SER B 168 -15.85 20.71 0.43
N LYS B 169 -15.27 19.78 -0.35
CA LYS B 169 -16.03 18.70 -0.98
C LYS B 169 -16.42 17.57 -0.01
N LEU B 170 -15.83 17.58 1.18
CA LEU B 170 -15.98 16.51 2.16
C LEU B 170 -16.97 16.89 3.26
N ASN B 171 -17.65 15.87 3.79
CA ASN B 171 -18.64 16.03 4.83
C ASN B 171 -18.02 15.74 6.21
N ALA B 172 -17.35 14.60 6.34
CA ALA B 172 -16.74 14.19 7.61
C ALA B 172 -15.55 15.07 7.99
N PRO B 173 -15.17 15.07 9.30
CA PRO B 173 -14.02 15.86 9.73
C PRO B 173 -12.70 15.38 9.11
N VAL B 174 -11.77 16.32 8.93
CA VAL B 174 -10.51 16.05 8.26
C VAL B 174 -9.37 16.32 9.21
N PHE B 175 -8.40 15.41 9.20
CA PHE B 175 -7.12 15.60 9.87
C PHE B 175 -6.03 15.45 8.82
N THR B 176 -5.12 16.42 8.80
CA THR B 176 -3.94 16.36 7.96
C THR B 176 -2.73 16.47 8.89
N LEU B 177 -1.84 15.48 8.82
CA LEU B 177 -0.71 15.38 9.75
C LEU B 177 0.34 16.47 9.53
N LEU B 178 0.63 16.76 8.26
CA LEU B 178 1.64 17.74 7.90
C LEU B 178 1.00 18.95 7.22
N ASN B 179 0.79 20.02 7.99
CA ASN B 179 0.18 21.26 7.47
C ASN B 179 1.25 22.26 7.06
O3P IR9 C . 2.21 -11.12 -15.32
P1 IR9 C . 2.88 -10.48 -14.12
O1P IR9 C . 3.88 -9.48 -14.59
O2P IR9 C . 3.51 -11.55 -13.25
O1 IR9 C . 1.79 -9.73 -13.24
C1 IR9 C . 2.13 -9.30 -11.92
C2 IR9 C . 0.83 -8.96 -11.21
C3 IR9 C . 0.98 -8.45 -9.79
O3 IR9 C . 1.95 -7.39 -9.72
N1 IR9 C . 0.09 -7.88 -11.90
C5 IR9 C . -0.67 -7.17 -10.84
C4 IR9 C . -0.40 -7.93 -9.55
O4 IR9 C . -0.51 -7.11 -8.40
C6 IR9 C . -2.13 -7.12 -11.18
O6 IR9 C . -2.26 -6.59 -12.50
P2 IR9 C . -2.73 -5.08 -12.75
O4P IR9 C . -1.60 -4.13 -12.43
O5P IR9 C . -3.91 -4.78 -11.87
O6P IR9 C . -3.12 -4.96 -14.21
C1 EDO D . 16.21 -11.10 7.69
O1 EDO D . 17.59 -10.72 7.76
C2 EDO D . 15.75 -11.63 9.05
O2 EDO D . 15.61 -10.56 9.98
C1 EDO E . 17.07 -7.78 8.66
O1 EDO E . 17.92 -6.73 8.23
C2 EDO E . 16.02 -7.18 9.59
O2 EDO E . 14.89 -8.05 9.72
O3P IR9 F . -9.08 13.86 -5.79
P1 IR9 F . -7.85 14.68 -5.52
O1P IR9 F . -7.87 15.26 -4.13
O2P IR9 F . -7.73 15.79 -6.53
O1 IR9 F . -6.55 13.75 -5.66
C1 IR9 F . -6.23 12.78 -4.67
C2 IR9 F . -4.78 12.36 -4.88
C3 IR9 F . -4.28 11.30 -3.92
O3 IR9 F . -5.24 10.24 -3.81
N1 IR9 F . -4.58 11.78 -6.23
C5 IR9 F . -3.57 10.71 -6.06
C4 IR9 F . -3.04 10.85 -4.65
O4 IR9 F . -2.46 9.64 -4.16
C6 IR9 F . -2.47 10.82 -7.09
O6 IR9 F . -3.07 10.99 -8.37
P2 IR9 F . -2.68 10.06 -9.59
O4P IR9 F . -3.57 8.84 -9.55
O5P IR9 F . -1.21 9.64 -9.46
O6P IR9 F . -2.88 10.86 -10.85
C1 EDO G . -8.47 4.26 19.15
O1 EDO G . -9.53 4.78 18.32
C2 EDO G . -9.06 3.53 20.35
O2 EDO G . -8.80 4.26 21.56
C1 EDO H . -10.02 0.64 18.07
O1 EDO H . -10.24 2.03 17.79
C2 EDO H . -8.56 0.32 17.77
O2 EDO H . -7.99 1.40 17.01
C1 EDO I . -12.90 15.21 14.82
O1 EDO I . -11.78 14.81 15.62
C2 EDO I . -13.98 14.13 14.90
O2 EDO I . -15.29 14.71 14.97
C1 EDO J . 12.83 7.86 -2.61
O1 EDO J . 13.77 8.42 -1.67
C2 EDO J . 12.28 6.51 -2.14
O2 EDO J . 11.34 5.93 -3.05
C1 EDO K . -12.25 -7.17 1.90
O1 EDO K . -11.84 -6.10 1.02
C2 EDO K . -12.71 -8.39 1.11
O2 EDO K . -13.57 -9.19 1.93
N9 ADE L . -1.67 14.72 -5.97
C8 ADE L . -2.32 15.80 -6.46
N7 ADE L . -1.55 16.91 -6.35
C5 ADE L . -0.40 16.55 -5.78
C6 ADE L . 0.87 17.24 -5.37
N6 ADE L . 1.02 18.58 -5.58
N1 ADE L . 1.85 16.51 -4.80
C2 ADE L . 1.71 15.17 -4.59
N3 ADE L . 0.60 14.49 -4.94
C4 ADE L . -0.47 15.10 -5.53
#